data_3IIZ
#
_entry.id   3IIZ
#
_cell.length_a   50.628
_cell.length_b   78.780
_cell.length_c   85.943
_cell.angle_alpha   90.00
_cell.angle_beta   90.00
_cell.angle_gamma   90.00
#
_symmetry.space_group_name_H-M   'P 21 21 21'
#
loop_
_entity.id
_entity.type
_entity.pdbx_description
1 polymer 'Biotin synthetase, putative'
2 non-polymer 'IRON/SULFUR CLUSTER'
3 non-polymer S-ADENOSYLMETHIONINE
4 non-polymer 3-[(3-CHOLAMIDOPROPYL)DIMETHYLAMMONIO]-1-PROPANESULFONATE
5 non-polymer 'FE2/S2 (INORGANIC) CLUSTER'
6 non-polymer 'HYDROSULFURIC ACID'
7 non-polymer 'CHLORIDE ION'
8 non-polymer 'CARBONATE ION'
9 water water
#
_entity_poly.entity_id   1
_entity_poly.type   'polypeptide(L)'
_entity_poly.pdbx_seq_one_letter_code
;MTGREILEKLERREFTREVLKEALSINDRGFNEALFKLADEIRRKYVGDEVHIRAIIEFSNVCRKNCLYCGLRRDNKNLK
RYRMTPEEIVERARLAVQFGAKTIVLQSGEDPY(OTY)MPDVISDIVKEIKKMGVAVTLSLGEWPREYYEKWKEAGADRY
LLRHETANPVLHRKLRPDTSFENRLN(CSO)LLTLKELGYETGAGSMVGLPGQTIDDLVDDLLFLKEHDFDMVGIGPFIP
HPDTPLANEKKGDFTLTLKMVALTRILLPDSNIPATTAMGTIVPGGREITLRCGANVIMPNWTPSPYRQLYQLYPGKICV
FEKDTACIPCVMKMIELLGRKPGRDWGGRKRVFETV
;
_entity_poly.pdbx_strand_id   A
#
loop_
_chem_comp.id
_chem_comp.type
_chem_comp.name
_chem_comp.formula
CL non-polymer 'CHLORIDE ION' 'Cl -1'
CO3 non-polymer 'CARBONATE ION' 'C O3 -2'
CPS non-polymer 3-[(3-CHOLAMIDOPROPYL)DIMETHYLAMMONIO]-1-PROPANESULFONATE 'C32 H58 N2 O7 S'
FES non-polymer 'FE2/S2 (INORGANIC) CLUSTER' 'Fe2 S2'
H2S non-polymer 'HYDROSULFURIC ACID' 'H2 S'
SAM non-polymer S-ADENOSYLMETHIONINE 'C15 H22 N6 O5 S'
SF4 non-polymer 'IRON/SULFUR CLUSTER' 'Fe4 S4'
#
# COMPACT_ATOMS: atom_id res chain seq x y z
N THR A 2 1.87 -8.69 -30.88
CA THR A 2 2.94 -9.57 -30.33
C THR A 2 3.52 -9.00 -29.05
N GLY A 3 4.08 -9.86 -28.22
CA GLY A 3 4.74 -9.42 -27.00
C GLY A 3 5.80 -8.38 -27.27
N ARG A 4 6.64 -8.64 -28.28
CA ARG A 4 7.71 -7.72 -28.61
C ARG A 4 7.14 -6.37 -28.99
N GLU A 5 6.01 -6.36 -29.67
CA GLU A 5 5.43 -5.10 -30.09
C GLU A 5 4.82 -4.34 -28.92
N ILE A 6 4.15 -5.05 -28.02
CA ILE A 6 3.63 -4.39 -26.80
C ILE A 6 4.78 -3.77 -25.99
N LEU A 7 5.89 -4.50 -25.87
CA LEU A 7 7.05 -3.95 -25.16
C LEU A 7 7.53 -2.70 -25.85
N GLU A 8 7.65 -2.75 -27.17
CA GLU A 8 8.09 -1.57 -27.92
C GLU A 8 7.17 -0.38 -27.68
N LYS A 9 5.88 -0.63 -27.67
CA LYS A 9 4.92 0.43 -27.38
C LYS A 9 5.02 0.94 -25.93
N LEU A 10 5.15 0.04 -24.96
CA LEU A 10 5.47 0.48 -23.60
C LEU A 10 6.77 1.32 -23.53
N GLU A 11 7.83 0.90 -24.23
CA GLU A 11 9.09 1.66 -24.19
C GLU A 11 8.96 3.04 -24.84
N ARG A 12 8.04 3.15 -25.80
CA ARG A 12 7.75 4.42 -26.48
C ARG A 12 6.67 5.27 -25.78
N ARG A 13 6.23 4.83 -24.59
CA ARG A 13 5.21 5.53 -23.78
C ARG A 13 3.87 5.58 -24.48
N GLU A 14 3.54 4.55 -25.25
CA GLU A 14 2.24 4.45 -25.94
C GLU A 14 1.24 3.73 -25.05
N PHE A 15 0.77 4.43 -24.03
CA PHE A 15 0.02 3.83 -22.94
C PHE A 15 -1.45 3.89 -23.24
N THR A 16 -1.83 3.18 -24.29
CA THR A 16 -3.20 3.14 -24.71
C THR A 16 -3.89 2.02 -23.95
N ARG A 17 -5.21 2.13 -23.81
CA ARG A 17 -5.96 1.03 -23.21
C ARG A 17 -5.68 -0.29 -23.91
N GLU A 18 -5.50 -0.23 -25.22
CA GLU A 18 -5.27 -1.44 -26.01
C GLU A 18 -3.94 -2.13 -25.62
N VAL A 19 -2.89 -1.34 -25.44
CA VAL A 19 -1.56 -1.89 -25.11
C VAL A 19 -1.61 -2.50 -23.70
N LEU A 20 -2.25 -1.81 -22.75
CA LEU A 20 -2.33 -2.29 -21.36
C LEU A 20 -3.09 -3.60 -21.25
N LYS A 21 -4.21 -3.71 -21.97
CA LYS A 21 -4.98 -4.94 -21.92
C LYS A 21 -4.19 -6.12 -22.46
N GLU A 22 -3.48 -5.87 -23.54
CA GLU A 22 -2.67 -6.91 -24.13
C GLU A 22 -1.54 -7.30 -23.18
N ALA A 23 -0.85 -6.33 -22.58
CA ALA A 23 0.18 -6.65 -21.58
C ALA A 23 -0.36 -7.55 -20.48
N LEU A 24 -1.55 -7.23 -19.96
CA LEU A 24 -2.11 -8.02 -18.86
C LEU A 24 -2.68 -9.36 -19.30
N SER A 25 -3.00 -9.47 -20.60
CA SER A 25 -3.61 -10.68 -21.16
C SER A 25 -2.59 -11.73 -21.62
N ILE A 26 -1.45 -11.27 -22.14
CA ILE A 26 -0.41 -12.19 -22.57
C ILE A 26 0.17 -12.97 -21.38
N ASN A 27 0.23 -14.30 -21.46
CA ASN A 27 0.80 -15.12 -20.38
C ASN A 27 2.17 -15.72 -20.67
N ASP A 28 2.79 -15.30 -21.76
CA ASP A 28 4.08 -15.79 -22.15
C ASP A 28 5.19 -15.43 -21.13
N ARG A 29 5.96 -16.43 -20.73
CA ARG A 29 7.08 -16.25 -19.81
C ARG A 29 8.11 -15.19 -20.27
N GLY A 30 8.53 -15.30 -21.51
CA GLY A 30 9.49 -14.38 -22.06
C GLY A 30 9.00 -12.96 -22.02
N PHE A 31 7.74 -12.74 -22.40
CA PHE A 31 7.14 -11.41 -22.37
C PHE A 31 7.12 -10.88 -20.92
N ASN A 32 6.61 -11.71 -20.00
CA ASN A 32 6.49 -11.32 -18.59
C ASN A 32 7.85 -10.92 -18.06
N GLU A 33 8.86 -11.73 -18.37
CA GLU A 33 10.22 -11.44 -17.87
C GLU A 33 10.77 -10.15 -18.43
N ALA A 34 10.50 -9.87 -19.72
CA ALA A 34 10.88 -8.60 -20.32
C ALA A 34 10.15 -7.42 -19.69
N LEU A 35 8.87 -7.61 -19.41
CA LEU A 35 8.08 -6.56 -18.79
C LEU A 35 8.67 -6.23 -17.41
N PHE A 36 9.00 -7.26 -16.64
CA PHE A 36 9.56 -7.08 -15.29
C PHE A 36 10.93 -6.37 -15.38
N LYS A 37 11.73 -6.76 -16.37
CA LYS A 37 13.04 -6.13 -16.55
C LYS A 37 12.89 -4.66 -16.90
N LEU A 38 11.90 -4.35 -17.74
CA LEU A 38 11.64 -2.97 -18.15
C LEU A 38 11.26 -2.16 -16.93
N ALA A 39 10.33 -2.67 -16.14
CA ALA A 39 9.91 -1.94 -14.93
C ALA A 39 11.07 -1.77 -13.97
N ASP A 40 11.88 -2.81 -13.84
CA ASP A 40 13.04 -2.78 -12.94
C ASP A 40 14.01 -1.67 -13.37
N GLU A 41 14.26 -1.60 -14.67
CA GLU A 41 15.14 -0.60 -15.25
CA GLU A 41 15.16 -0.61 -15.21
C GLU A 41 14.62 0.81 -15.05
N ILE A 42 13.34 1.00 -15.34
CA ILE A 42 12.71 2.30 -15.14
C ILE A 42 12.79 2.76 -13.68
N ARG A 43 12.47 1.86 -12.75
CA ARG A 43 12.64 2.10 -11.32
C ARG A 43 14.06 2.56 -11.04
N ARG A 44 15.04 1.83 -11.53
CA ARG A 44 16.43 2.17 -11.22
C ARG A 44 16.74 3.56 -11.78
N LYS A 45 16.32 3.81 -13.01
CA LYS A 45 16.67 5.08 -13.65
C LYS A 45 15.99 6.27 -12.98
N TYR A 46 14.73 6.12 -12.57
CA TYR A 46 13.98 7.28 -12.06
C TYR A 46 14.07 7.47 -10.54
N VAL A 47 14.05 6.36 -9.80
CA VAL A 47 14.06 6.46 -8.34
C VAL A 47 15.27 5.83 -7.67
N GLY A 48 16.19 5.30 -8.45
CA GLY A 48 17.43 4.78 -7.92
C GLY A 48 17.34 3.49 -7.12
N ASP A 49 18.42 3.18 -6.42
CA ASP A 49 18.52 1.94 -5.63
C ASP A 49 18.13 2.05 -4.19
N GLU A 50 17.77 3.26 -3.74
CA GLU A 50 17.25 3.44 -2.39
C GLU A 50 15.90 2.76 -2.24
N VAL A 51 15.79 1.97 -1.19
CA VAL A 51 14.52 1.37 -0.80
C VAL A 51 14.11 2.05 0.50
N HIS A 52 12.97 2.72 0.46
CA HIS A 52 12.50 3.52 1.56
C HIS A 52 11.70 2.69 2.51
N ILE A 53 12.05 2.82 3.79
CA ILE A 53 11.43 2.01 4.83
C ILE A 53 10.37 2.85 5.50
N ARG A 54 9.13 2.35 5.49
CA ARG A 54 8.01 2.99 6.19
C ARG A 54 7.59 2.07 7.35
N ALA A 55 7.81 2.50 8.58
CA ALA A 55 7.51 1.64 9.73
C ALA A 55 6.05 1.78 10.04
N ILE A 56 5.31 0.68 10.00
CA ILE A 56 3.84 0.75 10.12
C ILE A 56 3.40 0.29 11.52
N ILE A 57 2.61 1.13 12.16
CA ILE A 57 2.01 0.80 13.43
C ILE A 57 0.51 0.73 13.20
N GLU A 58 -0.01 -0.48 13.36
CA GLU A 58 -1.43 -0.77 13.15
C GLU A 58 -2.07 -0.66 14.54
N PHE A 59 -2.53 0.55 14.85
CA PHE A 59 -2.74 0.93 16.25
C PHE A 59 -4.13 0.56 16.80
N SER A 60 -5.06 0.25 15.92
CA SER A 60 -6.39 -0.19 16.31
C SER A 60 -6.99 -1.05 15.22
N ASN A 61 -7.66 -2.12 15.65
CA ASN A 61 -8.37 -2.99 14.69
C ASN A 61 -9.90 -2.84 14.77
N VAL A 62 -10.35 -1.79 15.47
CA VAL A 62 -11.76 -1.43 15.52
C VAL A 62 -12.13 -0.81 14.18
N CYS A 63 -13.20 -1.29 13.56
CA CYS A 63 -13.70 -0.65 12.35
C CYS A 63 -15.23 -0.57 12.32
N ARG A 64 -15.70 0.58 11.84
CA ARG A 64 -17.13 0.84 11.68
C ARG A 64 -17.70 0.33 10.34
N LYS A 65 -16.81 0.02 9.38
CA LYS A 65 -17.23 -0.35 8.03
C LYS A 65 -17.25 -1.87 7.91
N ASN A 66 -17.83 -2.38 6.83
CA ASN A 66 -18.12 -3.79 6.71
C ASN A 66 -17.64 -4.34 5.37
N CYS A 67 -16.50 -3.83 4.89
CA CYS A 67 -15.97 -4.26 3.59
C CYS A 67 -15.94 -5.77 3.52
N LEU A 68 -16.45 -6.32 2.42
CA LEU A 68 -16.65 -7.78 2.31
C LEU A 68 -15.36 -8.63 2.33
N TYR A 69 -14.24 -8.03 1.94
CA TYR A 69 -12.95 -8.70 1.85
C TYR A 69 -12.13 -8.72 3.13
N CYS A 70 -12.48 -7.84 4.06
CA CYS A 70 -11.57 -7.48 5.15
C CYS A 70 -11.89 -8.19 6.45
N GLY A 71 -10.90 -8.85 7.06
CA GLY A 71 -11.08 -9.47 8.34
C GLY A 71 -11.43 -8.55 9.51
N LEU A 72 -11.16 -7.25 9.40
CA LEU A 72 -11.54 -6.31 10.44
C LEU A 72 -12.98 -5.75 10.30
N ARG A 73 -13.71 -6.20 9.28
CA ARG A 73 -15.08 -5.73 9.04
C ARG A 73 -15.91 -5.85 10.29
N ARG A 74 -16.84 -4.92 10.46
CA ARG A 74 -17.53 -4.83 11.73
C ARG A 74 -18.32 -6.07 12.10
N ASP A 75 -18.83 -6.78 11.10
CA ASP A 75 -19.61 -8.01 11.36
C ASP A 75 -18.80 -9.20 11.83
N ASN A 76 -17.47 -9.09 11.79
CA ASN A 76 -16.62 -10.14 12.29
C ASN A 76 -16.57 -10.11 13.80
N LYS A 77 -17.38 -10.97 14.42
CA LYS A 77 -17.34 -11.17 15.87
C LYS A 77 -16.21 -12.11 16.38
N ASN A 78 -15.55 -12.82 15.46
N ASN A 78 -15.55 -12.82 15.46
CA ASN A 78 -14.51 -13.83 15.80
CA ASN A 78 -14.50 -13.82 15.82
C ASN A 78 -13.13 -13.18 15.80
C ASN A 78 -13.11 -13.19 15.84
N LEU A 79 -13.02 -12.04 16.50
CA LEU A 79 -11.80 -11.25 16.52
C LEU A 79 -11.75 -10.41 17.77
N LYS A 80 -10.69 -10.57 18.57
CA LYS A 80 -10.48 -9.68 19.69
C LYS A 80 -10.10 -8.31 19.13
N ARG A 81 -10.85 -7.29 19.56
CA ARG A 81 -10.56 -5.92 19.18
C ARG A 81 -9.63 -5.27 20.19
N TYR A 82 -8.75 -4.40 19.70
CA TYR A 82 -7.78 -3.69 20.52
C TYR A 82 -7.61 -2.26 20.02
N ARG A 83 -7.15 -1.43 20.95
CA ARG A 83 -6.82 -0.04 20.72
C ARG A 83 -5.56 0.26 21.52
N MET A 84 -4.48 0.66 20.88
CA MET A 84 -3.32 1.16 21.59
C MET A 84 -3.63 2.55 22.15
N THR A 85 -3.07 2.88 23.31
CA THR A 85 -3.22 4.22 23.86
C THR A 85 -2.35 5.21 23.09
N PRO A 86 -2.71 6.50 23.12
CA PRO A 86 -1.85 7.47 22.43
C PRO A 86 -0.40 7.44 22.92
N GLU A 87 -0.21 7.20 24.21
CA GLU A 87 1.14 7.11 24.76
C GLU A 87 1.88 5.92 24.16
N GLU A 88 1.18 4.79 24.02
CA GLU A 88 1.78 3.58 23.48
C GLU A 88 2.19 3.82 22.05
N ILE A 89 1.33 4.53 21.33
CA ILE A 89 1.57 4.76 19.89
C ILE A 89 2.77 5.66 19.73
N VAL A 90 2.82 6.74 20.50
CA VAL A 90 3.92 7.70 20.37
C VAL A 90 5.23 7.05 20.73
N GLU A 91 5.24 6.29 21.80
CA GLU A 91 6.49 5.67 22.22
C GLU A 91 6.93 4.54 21.29
N ARG A 92 5.95 3.88 20.67
CA ARG A 92 6.22 2.86 19.68
C ARG A 92 6.86 3.51 18.43
N ALA A 93 6.32 4.65 18.00
CA ALA A 93 6.93 5.43 16.93
C ALA A 93 8.35 5.83 17.30
N ARG A 94 8.54 6.31 18.53
CA ARG A 94 9.88 6.72 18.96
C ARG A 94 10.87 5.57 18.82
N LEU A 95 10.44 4.37 19.20
CA LEU A 95 11.32 3.22 19.09
C LEU A 95 11.66 2.94 17.60
N ALA A 96 10.68 3.08 16.69
CA ALA A 96 10.96 2.96 15.27
C ALA A 96 11.98 3.98 14.81
N VAL A 97 11.83 5.22 15.28
CA VAL A 97 12.78 6.28 14.93
C VAL A 97 14.20 5.93 15.46
N GLN A 98 14.28 5.46 16.69
CA GLN A 98 15.52 4.95 17.23
C GLN A 98 16.15 3.85 16.40
N PHE A 99 15.31 3.03 15.76
CA PHE A 99 15.77 1.94 14.89
C PHE A 99 16.08 2.44 13.48
N GLY A 100 15.98 3.74 13.25
CA GLY A 100 16.32 4.34 11.96
C GLY A 100 15.18 4.67 11.01
N ALA A 101 13.94 4.42 11.41
CA ALA A 101 12.77 4.73 10.54
C ALA A 101 12.73 6.24 10.25
N LYS A 102 12.57 6.60 8.97
CA LYS A 102 12.43 7.99 8.55
C LYS A 102 10.99 8.38 8.19
N THR A 103 10.12 7.38 8.06
CA THR A 103 8.67 7.58 7.96
C THR A 103 7.97 6.63 8.96
N ILE A 104 6.96 7.17 9.67
CA ILE A 104 6.06 6.40 10.53
C ILE A 104 4.69 6.41 9.85
N VAL A 105 4.17 5.21 9.65
CA VAL A 105 2.83 5.05 9.12
C VAL A 105 1.91 4.61 10.24
N LEU A 106 0.83 5.37 10.43
CA LEU A 106 -0.20 5.04 11.40
C LEU A 106 -1.39 4.51 10.61
N GLN A 107 -1.74 3.24 10.85
CA GLN A 107 -2.84 2.59 10.13
C GLN A 107 -3.83 2.00 11.11
N SER A 108 -5.10 2.03 10.75
CA SER A 108 -6.10 1.45 11.60
C SER A 108 -7.32 1.05 10.83
N GLY A 109 -8.19 0.30 11.49
CA GLY A 109 -9.59 0.26 11.07
C GLY A 109 -10.15 1.67 11.17
N GLU A 110 -11.33 1.89 10.58
CA GLU A 110 -12.05 3.15 10.79
C GLU A 110 -12.67 3.15 12.16
N ASP A 111 -11.85 3.51 13.14
CA ASP A 111 -12.16 3.48 14.58
C ASP A 111 -12.48 4.91 15.03
N PRO A 112 -13.76 5.19 15.26
CA PRO A 112 -14.17 6.56 15.63
C PRO A 112 -13.45 7.18 16.85
N TYR A 113 -12.97 6.35 17.75
CA TYR A 113 -12.51 6.83 19.05
C TYR A 113 -11.45 7.92 18.96
OD1 OTY A 114 -9.43 5.39 16.83
N OTY A 114 -10.53 7.78 18.02
CA OTY A 114 -9.40 8.69 17.92
C OTY A 114 -9.69 9.94 17.10
O OTY A 114 -8.89 10.88 17.06
CB OTY A 114 -8.25 7.96 17.23
CG OTY A 114 -7.75 6.68 17.88
CD1 OTY A 114 -8.34 5.45 17.65
CD2 OTY A 114 -6.64 6.76 18.72
CE1 OTY A 114 -7.82 4.29 18.27
CE2 OTY A 114 -6.12 5.63 19.34
CZ OTY A 114 -6.71 4.37 19.12
OH OTY A 114 -6.18 3.24 19.70
N MET A 115 -10.83 9.98 16.43
CA MET A 115 -10.98 10.90 15.31
C MET A 115 -11.74 12.13 15.70
N PRO A 116 -11.22 13.32 15.40
CA PRO A 116 -9.90 13.62 14.88
C PRO A 116 -8.85 14.01 15.88
N ASP A 117 -9.22 14.35 17.10
CA ASP A 117 -8.28 15.02 17.99
C ASP A 117 -7.15 14.16 18.53
N VAL A 118 -7.43 12.91 18.87
CA VAL A 118 -6.38 12.04 19.41
C VAL A 118 -5.31 11.83 18.33
N ILE A 119 -5.74 11.59 17.09
CA ILE A 119 -4.80 11.48 15.98
C ILE A 119 -3.96 12.74 15.85
N SER A 120 -4.62 13.90 15.88
CA SER A 120 -3.87 15.14 15.79
C SER A 120 -2.78 15.25 16.87
N ASP A 121 -3.12 14.89 18.11
CA ASP A 121 -2.17 14.96 19.20
C ASP A 121 -1.00 14.02 18.94
N ILE A 122 -1.30 12.80 18.53
CA ILE A 122 -0.27 11.80 18.27
C ILE A 122 0.64 12.26 17.13
N VAL A 123 0.05 12.76 16.05
CA VAL A 123 0.85 13.25 14.92
C VAL A 123 1.81 14.35 15.35
N LYS A 124 1.32 15.29 16.15
CA LYS A 124 2.16 16.39 16.62
C LYS A 124 3.38 15.84 17.39
N GLU A 125 3.16 14.83 18.23
CA GLU A 125 4.26 14.32 19.06
C GLU A 125 5.28 13.58 18.19
N ILE A 126 4.78 12.82 17.22
CA ILE A 126 5.70 12.12 16.33
C ILE A 126 6.47 13.07 15.41
N LYS A 127 5.83 14.12 14.92
CA LYS A 127 6.51 15.08 14.05
C LYS A 127 7.69 15.76 14.77
N LYS A 128 7.61 15.84 16.08
CA LYS A 128 8.75 16.37 16.87
C LYS A 128 10.03 15.57 16.70
N MET A 129 9.89 14.31 16.28
CA MET A 129 11.00 13.38 16.12
CA MET A 129 11.07 13.47 16.15
C MET A 129 11.76 13.58 14.82
N GLY A 130 11.28 14.49 13.97
CA GLY A 130 11.97 14.82 12.71
C GLY A 130 11.89 13.79 11.59
N VAL A 131 10.71 13.18 11.50
CA VAL A 131 10.41 12.17 10.50
C VAL A 131 9.12 12.49 9.82
N ALA A 132 8.90 11.84 8.69
CA ALA A 132 7.64 11.92 7.99
C ALA A 132 6.58 11.08 8.69
N VAL A 133 5.34 11.58 8.64
CA VAL A 133 4.17 10.89 9.15
C VAL A 133 3.19 10.64 8.00
N THR A 134 2.85 9.38 7.83
CA THR A 134 1.85 8.93 6.87
C THR A 134 0.65 8.37 7.63
N LEU A 135 -0.56 8.81 7.27
CA LEU A 135 -1.81 8.28 7.86
C LEU A 135 -2.51 7.34 6.87
N SER A 136 -3.14 6.30 7.43
CA SER A 136 -3.91 5.39 6.61
C SER A 136 -5.07 4.95 7.49
N LEU A 137 -6.04 5.85 7.60
CA LEU A 137 -7.13 5.69 8.55
C LEU A 137 -8.48 5.55 7.87
N GLY A 138 -8.55 5.49 6.55
CA GLY A 138 -9.85 5.34 5.87
C GLY A 138 -10.49 6.66 5.50
N GLU A 139 -11.81 6.61 5.29
CA GLU A 139 -12.59 7.75 4.83
C GLU A 139 -13.13 8.53 6.01
N TRP A 140 -12.82 9.82 6.06
CA TRP A 140 -13.31 10.72 7.09
C TRP A 140 -13.67 12.08 6.47
N PRO A 141 -14.40 12.90 7.23
CA PRO A 141 -14.71 14.23 6.71
C PRO A 141 -13.48 15.07 6.40
N ARG A 142 -13.66 15.99 5.44
CA ARG A 142 -12.59 16.85 4.97
C ARG A 142 -12.00 17.56 6.16
N GLU A 143 -12.82 17.95 7.11
CA GLU A 143 -12.32 18.69 8.27
C GLU A 143 -11.32 17.88 9.08
N TYR A 144 -11.47 16.56 9.14
CA TYR A 144 -10.54 15.76 9.90
C TYR A 144 -9.19 15.75 9.15
N TYR A 145 -9.27 15.53 7.83
CA TYR A 145 -8.07 15.55 6.98
C TYR A 145 -7.34 16.90 7.08
N GLU A 146 -8.09 17.97 7.16
CA GLU A 146 -7.49 19.30 7.35
C GLU A 146 -6.78 19.43 8.69
N LYS A 147 -7.44 18.99 9.76
CA LYS A 147 -6.85 19.05 11.09
C LYS A 147 -5.57 18.23 11.14
N TRP A 148 -5.57 17.08 10.47
CA TRP A 148 -4.40 16.20 10.47
C TRP A 148 -3.22 16.78 9.68
N LYS A 149 -3.55 17.51 8.64
CA LYS A 149 -2.52 18.20 7.84
C LYS A 149 -1.93 19.34 8.67
N GLU A 150 -2.81 20.09 9.31
CA GLU A 150 -2.36 21.15 10.20
C GLU A 150 -1.49 20.62 11.34
N ALA A 151 -1.78 19.40 11.80
CA ALA A 151 -1.05 18.77 12.89
C ALA A 151 0.35 18.30 12.43
N GLY A 152 0.56 18.27 11.13
CA GLY A 152 1.83 17.97 10.57
C GLY A 152 1.93 16.70 9.74
N ALA A 153 0.82 15.96 9.51
CA ALA A 153 0.90 14.76 8.66
C ALA A 153 1.36 15.11 7.25
N ASP A 154 2.18 14.23 6.70
CA ASP A 154 2.82 14.50 5.42
C ASP A 154 2.13 13.80 4.28
N ARG A 155 1.66 12.58 4.56
CA ARG A 155 1.15 11.69 3.51
C ARG A 155 -0.10 10.98 3.99
N TYR A 156 -0.89 10.49 3.03
CA TYR A 156 -2.10 9.72 3.33
C TYR A 156 -2.26 8.62 2.30
N LEU A 157 -2.42 7.40 2.78
CA LEU A 157 -2.63 6.21 1.94
C LEU A 157 -4.11 5.91 2.01
N LEU A 158 -4.75 5.91 0.85
CA LEU A 158 -6.17 5.55 0.76
C LEU A 158 -6.34 4.77 -0.51
N ARG A 159 -6.03 3.49 -0.47
CA ARG A 159 -6.11 2.71 -1.67
C ARG A 159 -7.50 2.86 -2.28
N HIS A 160 -7.57 2.97 -3.60
CA HIS A 160 -8.89 3.13 -4.24
C HIS A 160 -9.64 1.79 -4.37
N GLU A 161 -8.91 0.70 -4.16
CA GLU A 161 -9.39 -0.69 -4.04
C GLU A 161 -9.77 -1.29 -5.37
N THR A 162 -10.71 -0.63 -6.03
CA THR A 162 -11.18 -0.98 -7.38
C THR A 162 -11.82 0.25 -7.98
N ALA A 163 -11.46 0.52 -9.23
CA ALA A 163 -12.00 1.67 -9.96
C ALA A 163 -13.31 1.32 -10.67
N ASN A 164 -13.79 0.09 -10.52
CA ASN A 164 -15.11 -0.28 -11.03
C ASN A 164 -16.16 0.09 -9.99
N PRO A 165 -16.98 1.13 -10.26
CA PRO A 165 -17.86 1.59 -9.19
C PRO A 165 -18.90 0.60 -8.75
N VAL A 166 -19.28 -0.31 -9.66
CA VAL A 166 -20.30 -1.30 -9.31
C VAL A 166 -19.70 -2.34 -8.35
N LEU A 167 -18.53 -2.86 -8.70
CA LEU A 167 -17.80 -3.80 -7.85
C LEU A 167 -17.47 -3.15 -6.50
N HIS A 168 -17.05 -1.89 -6.56
CA HIS A 168 -16.64 -1.12 -5.37
C HIS A 168 -17.77 -1.04 -4.39
N ARG A 169 -18.94 -0.63 -4.88
CA ARG A 169 -20.12 -0.50 -4.01
C ARG A 169 -20.59 -1.82 -3.43
N LYS A 170 -20.50 -2.90 -4.22
CA LYS A 170 -20.82 -4.22 -3.67
C LYS A 170 -19.84 -4.69 -2.59
N LEU A 171 -18.57 -4.45 -2.82
CA LEU A 171 -17.56 -4.91 -1.85
C LEU A 171 -17.44 -3.98 -0.63
N ARG A 172 -17.85 -2.73 -0.75
CA ARG A 172 -17.71 -1.73 0.31
C ARG A 172 -19.07 -1.08 0.49
N PRO A 173 -20.01 -1.85 1.10
CA PRO A 173 -21.43 -1.45 1.15
C PRO A 173 -21.78 -0.18 1.92
N ASP A 174 -20.84 0.34 2.70
CA ASP A 174 -21.04 1.56 3.47
C ASP A 174 -20.77 2.81 2.67
N THR A 175 -20.20 2.66 1.47
CA THR A 175 -19.63 3.79 0.79
C THR A 175 -19.61 3.53 -0.71
N SER A 176 -18.76 4.24 -1.44
CA SER A 176 -18.78 4.18 -2.91
C SER A 176 -17.45 4.59 -3.47
N PHE A 177 -17.23 4.26 -4.72
CA PHE A 177 -16.04 4.69 -5.41
C PHE A 177 -16.03 6.21 -5.50
N GLU A 178 -17.22 6.79 -5.74
CA GLU A 178 -17.35 8.23 -5.81
C GLU A 178 -16.84 8.87 -4.53
N ASN A 179 -17.25 8.36 -3.37
CA ASN A 179 -16.75 8.85 -2.08
CA ASN A 179 -16.75 8.91 -2.12
C ASN A 179 -15.25 8.68 -2.00
N ARG A 180 -14.77 7.49 -2.36
CA ARG A 180 -13.33 7.18 -2.26
C ARG A 180 -12.49 8.15 -3.08
N LEU A 181 -12.94 8.42 -4.31
CA LEU A 181 -12.26 9.35 -5.17
C LEU A 181 -12.30 10.75 -4.59
N ASN A 182 -13.48 11.19 -4.13
CA ASN A 182 -13.57 12.49 -3.49
C ASN A 182 -12.60 12.64 -2.32
N CSO A 183 -12.47 11.59 -1.51
CA CSO A 183 -11.49 11.61 -0.42
CB CSO A 183 -11.54 10.36 0.46
SG CSO A 183 -13.13 10.25 1.35
C CSO A 183 -10.08 11.81 -0.99
O CSO A 183 -9.33 12.63 -0.50
OD CSO A 183 -13.06 11.19 2.83
N LEU A 184 -9.74 11.05 -2.01
CA LEU A 184 -8.41 11.15 -2.62
C LEU A 184 -8.13 12.53 -3.20
N LEU A 185 -9.10 13.10 -3.89
CA LEU A 185 -8.94 14.45 -4.44
C LEU A 185 -8.82 15.50 -3.34
N THR A 186 -9.53 15.30 -2.23
CA THR A 186 -9.47 16.20 -1.11
C THR A 186 -8.09 16.14 -0.48
N LEU A 187 -7.57 14.91 -0.31
CA LEU A 187 -6.25 14.75 0.23
C LEU A 187 -5.23 15.44 -0.64
N LYS A 188 -5.34 15.29 -1.95
CA LYS A 188 -4.42 15.99 -2.87
C LYS A 188 -4.56 17.51 -2.68
N GLU A 189 -5.78 17.99 -2.64
CA GLU A 189 -6.03 19.44 -2.54
C GLU A 189 -5.38 20.04 -1.28
N LEU A 190 -5.42 19.28 -0.20
CA LEU A 190 -4.87 19.73 1.08
C LEU A 190 -3.35 19.63 1.15
N GLY A 191 -2.69 19.12 0.13
CA GLY A 191 -1.25 19.10 0.08
C GLY A 191 -0.58 17.82 0.58
N TYR A 192 -1.38 16.79 0.83
CA TYR A 192 -0.80 15.51 1.19
C TYR A 192 -0.10 14.87 0.00
N GLU A 193 1.04 14.21 0.22
CA GLU A 193 1.46 13.17 -0.71
CA GLU A 193 1.47 13.18 -0.71
C GLU A 193 0.44 12.06 -0.57
N THR A 194 -0.21 11.73 -1.68
CA THR A 194 -1.38 10.89 -1.67
C THR A 194 -1.16 9.56 -2.37
N GLY A 195 -1.55 8.49 -1.67
CA GLY A 195 -1.42 7.14 -2.16
C GLY A 195 -2.75 6.49 -2.44
N ALA A 196 -2.84 5.84 -3.60
CA ALA A 196 -4.01 5.09 -4.00
C ALA A 196 -3.52 3.67 -4.26
N GLY A 197 -4.18 2.94 -5.15
CA GLY A 197 -3.83 1.56 -5.46
C GLY A 197 -5.01 0.64 -5.22
N SER A 198 -4.88 -0.60 -5.71
CA SER A 198 -6.01 -1.51 -5.79
C SER A 198 -5.61 -2.92 -5.42
N MET A 199 -6.59 -3.76 -5.16
CA MET A 199 -6.34 -5.18 -5.02
C MET A 199 -6.55 -5.84 -6.38
N VAL A 200 -5.84 -6.94 -6.56
CA VAL A 200 -5.90 -7.72 -7.79
C VAL A 200 -6.46 -9.08 -7.49
N GLY A 201 -7.45 -9.51 -8.29
CA GLY A 201 -8.07 -10.82 -8.15
C GLY A 201 -9.28 -10.83 -7.24
N LEU A 202 -9.88 -9.66 -7.06
CA LEU A 202 -11.14 -9.58 -6.34
C LEU A 202 -12.20 -10.42 -7.05
N PRO A 203 -13.12 -10.98 -6.28
CA PRO A 203 -14.17 -11.76 -6.95
C PRO A 203 -14.98 -10.87 -7.86
N GLY A 204 -15.11 -11.27 -9.12
CA GLY A 204 -15.85 -10.48 -10.11
C GLY A 204 -15.06 -9.46 -10.89
N GLN A 205 -13.79 -9.27 -10.51
CA GLN A 205 -12.95 -8.26 -11.14
C GLN A 205 -12.37 -8.84 -12.42
N THR A 206 -12.42 -8.07 -13.49
CA THR A 206 -11.98 -8.50 -14.82
C THR A 206 -10.62 -7.88 -15.19
N ILE A 207 -10.02 -8.40 -16.26
CA ILE A 207 -8.82 -7.77 -16.81
C ILE A 207 -9.12 -6.33 -17.21
N ASP A 208 -10.27 -6.07 -17.86
CA ASP A 208 -10.63 -4.70 -18.18
C ASP A 208 -10.65 -3.78 -16.94
N ASP A 209 -11.12 -4.33 -15.83
CA ASP A 209 -11.12 -3.60 -14.57
C ASP A 209 -9.69 -3.26 -14.18
N LEU A 210 -8.79 -4.21 -14.34
CA LEU A 210 -7.37 -3.93 -14.01
C LEU A 210 -6.79 -2.86 -14.91
N VAL A 211 -7.13 -2.91 -16.19
CA VAL A 211 -6.75 -1.82 -17.10
C VAL A 211 -7.28 -0.47 -16.63
N ASP A 212 -8.54 -0.44 -16.18
CA ASP A 212 -9.16 0.77 -15.66
C ASP A 212 -8.43 1.26 -14.42
N ASP A 213 -7.97 0.32 -13.59
CA ASP A 213 -7.19 0.71 -12.41
C ASP A 213 -5.89 1.40 -12.83
N LEU A 214 -5.18 0.81 -13.79
CA LEU A 214 -3.96 1.43 -14.30
C LEU A 214 -4.23 2.84 -14.86
N LEU A 215 -5.29 2.98 -15.66
CA LEU A 215 -5.58 4.29 -16.27
C LEU A 215 -6.02 5.31 -15.22
N PHE A 216 -6.73 4.86 -14.19
CA PHE A 216 -7.11 5.71 -13.06
C PHE A 216 -5.89 6.26 -12.35
N LEU A 217 -4.94 5.39 -12.09
CA LEU A 217 -3.71 5.79 -11.41
C LEU A 217 -2.92 6.80 -12.21
N LYS A 218 -2.82 6.56 -13.51
CA LYS A 218 -2.12 7.43 -14.44
C LYS A 218 -2.80 8.81 -14.51
N GLU A 219 -4.11 8.80 -14.56
CA GLU A 219 -4.91 10.02 -14.66
C GLU A 219 -4.67 10.93 -13.48
N HIS A 220 -4.61 10.36 -12.29
CA HIS A 220 -4.55 11.16 -11.08
C HIS A 220 -3.14 11.35 -10.54
N ASP A 221 -2.17 10.66 -11.13
CA ASP A 221 -0.77 10.94 -10.85
C ASP A 221 -0.44 10.88 -9.38
N PHE A 222 -0.88 9.82 -8.73
CA PHE A 222 -0.70 9.67 -7.31
C PHE A 222 0.77 9.56 -6.97
N ASP A 223 1.12 10.02 -5.80
CA ASP A 223 2.50 9.96 -5.31
C ASP A 223 2.95 8.57 -4.91
N MET A 224 2.02 7.82 -4.34
CA MET A 224 2.24 6.42 -3.97
CA MET A 224 2.26 6.44 -3.98
C MET A 224 1.18 5.51 -4.53
N VAL A 225 1.56 4.29 -4.85
CA VAL A 225 0.57 3.34 -5.35
C VAL A 225 0.79 2.00 -4.67
N GLY A 226 -0.21 1.57 -3.90
CA GLY A 226 -0.12 0.33 -3.14
C GLY A 226 -0.96 -0.74 -3.78
N ILE A 227 -0.33 -1.82 -4.25
CA ILE A 227 -1.01 -2.86 -5.01
C ILE A 227 -0.71 -4.22 -4.37
N GLY A 228 -1.75 -5.01 -4.18
CA GLY A 228 -1.60 -6.33 -3.56
C GLY A 228 -2.64 -7.28 -4.06
N PRO A 229 -2.41 -8.59 -3.90
CA PRO A 229 -3.45 -9.54 -4.30
C PRO A 229 -4.58 -9.57 -3.26
N PHE A 230 -5.81 -9.82 -3.70
CA PHE A 230 -6.86 -10.19 -2.77
C PHE A 230 -6.52 -11.55 -2.10
N ILE A 231 -6.60 -11.57 -0.78
CA ILE A 231 -6.39 -12.79 0.00
C ILE A 231 -7.63 -13.09 0.85
N PRO A 232 -8.36 -14.17 0.53
CA PRO A 232 -9.63 -14.40 1.23
C PRO A 232 -9.44 -14.67 2.71
N HIS A 233 -10.36 -14.16 3.51
CA HIS A 233 -10.30 -14.28 4.94
C HIS A 233 -11.48 -15.13 5.38
N PRO A 234 -11.22 -16.12 6.21
CA PRO A 234 -12.28 -17.11 6.50
C PRO A 234 -13.49 -16.62 7.26
N ASP A 235 -13.38 -15.48 7.94
CA ASP A 235 -14.48 -14.91 8.72
C ASP A 235 -15.11 -13.72 7.98
N THR A 236 -15.16 -13.83 6.66
CA THR A 236 -15.75 -12.83 5.78
C THR A 236 -16.63 -13.51 4.74
N PRO A 237 -17.57 -12.78 4.15
CA PRO A 237 -18.37 -13.30 3.06
C PRO A 237 -17.61 -13.86 1.83
N LEU A 238 -16.33 -13.50 1.68
CA LEU A 238 -15.53 -13.91 0.53
C LEU A 238 -14.58 -15.05 0.86
N ALA A 239 -14.82 -15.72 1.99
CA ALA A 239 -13.98 -16.80 2.50
C ALA A 239 -13.63 -17.87 1.48
N ASN A 240 -14.59 -18.20 0.62
CA ASN A 240 -14.45 -19.32 -0.31
C ASN A 240 -14.05 -18.89 -1.70
N GLU A 241 -13.68 -17.62 -1.86
CA GLU A 241 -13.31 -17.10 -3.16
C GLU A 241 -11.84 -17.35 -3.40
N LYS A 242 -11.44 -17.26 -4.66
CA LYS A 242 -10.04 -17.54 -5.01
C LYS A 242 -9.16 -16.35 -4.70
N LYS A 243 -7.94 -16.64 -4.22
CA LYS A 243 -6.96 -15.59 -3.99
C LYS A 243 -6.49 -15.01 -5.33
N GLY A 244 -6.05 -13.78 -5.30
CA GLY A 244 -5.44 -13.14 -6.44
C GLY A 244 -4.15 -13.83 -6.85
N ASP A 245 -3.86 -13.78 -8.15
CA ASP A 245 -2.72 -14.41 -8.72
C ASP A 245 -1.50 -13.53 -8.51
N PHE A 246 -0.43 -14.12 -7.98
CA PHE A 246 0.79 -13.33 -7.72
C PHE A 246 1.39 -12.74 -9.00
N THR A 247 1.51 -13.55 -10.05
CA THR A 247 2.14 -13.04 -11.29
C THR A 247 1.35 -11.90 -11.91
N LEU A 248 0.03 -11.99 -11.95
CA LEU A 248 -0.80 -10.94 -12.49
C LEU A 248 -0.63 -9.65 -11.67
N THR A 249 -0.60 -9.83 -10.35
CA THR A 249 -0.46 -8.68 -9.46
C THR A 249 0.91 -8.01 -9.67
N LEU A 250 1.92 -8.85 -9.88
CA LEU A 250 3.29 -8.35 -10.13
C LEU A 250 3.34 -7.59 -11.46
N LYS A 251 2.63 -8.08 -12.47
CA LYS A 251 2.48 -7.30 -13.71
C LYS A 251 1.82 -5.93 -13.48
N MET A 252 0.81 -5.87 -12.61
CA MET A 252 0.20 -4.59 -12.27
C MET A 252 1.21 -3.64 -11.60
N VAL A 253 2.03 -4.16 -10.71
CA VAL A 253 3.12 -3.35 -10.11
C VAL A 253 4.06 -2.85 -11.22
N ALA A 254 4.51 -3.76 -12.08
CA ALA A 254 5.43 -3.43 -13.15
C ALA A 254 4.86 -2.35 -14.05
N LEU A 255 3.62 -2.52 -14.47
CA LEU A 255 2.99 -1.54 -15.34
C LEU A 255 2.76 -0.20 -14.62
N THR A 256 2.49 -0.23 -13.32
CA THR A 256 2.36 1.03 -12.54
C THR A 256 3.69 1.79 -12.54
N ARG A 257 4.79 1.07 -12.38
CA ARG A 257 6.09 1.75 -12.45
C ARG A 257 6.29 2.33 -13.86
N ILE A 258 5.92 1.59 -14.89
CA ILE A 258 6.18 2.05 -16.27
C ILE A 258 5.33 3.29 -16.51
N LEU A 259 4.09 3.28 -16.04
CA LEU A 259 3.18 4.42 -16.22
C LEU A 259 3.49 5.63 -15.36
N LEU A 260 3.92 5.40 -14.11
CA LEU A 260 4.22 6.47 -13.15
C LEU A 260 5.67 6.32 -12.66
N PRO A 261 6.64 6.61 -13.55
CA PRO A 261 8.01 6.27 -13.27
C PRO A 261 8.68 6.90 -12.05
N ASP A 262 8.16 8.03 -11.59
CA ASP A 262 8.75 8.71 -10.45
C ASP A 262 7.91 8.54 -9.20
N SER A 263 6.99 7.56 -9.20
CA SER A 263 6.15 7.33 -8.00
C SER A 263 6.81 6.45 -6.96
N ASN A 264 6.27 6.48 -5.74
CA ASN A 264 6.68 5.58 -4.70
C ASN A 264 5.76 4.36 -4.72
N ILE A 265 6.33 3.16 -4.83
CA ILE A 265 5.54 1.94 -4.98
C ILE A 265 6.04 0.87 -4.00
N PRO A 266 5.24 0.56 -2.96
CA PRO A 266 5.66 -0.52 -2.08
C PRO A 266 5.55 -1.93 -2.61
N ALA A 267 6.44 -2.76 -2.09
CA ALA A 267 6.29 -4.20 -2.14
C ALA A 267 5.47 -4.59 -0.91
N THR A 268 4.18 -4.82 -1.14
CA THR A 268 3.22 -4.90 -0.07
C THR A 268 3.31 -6.20 0.67
N THR A 269 2.88 -6.16 1.93
CA THR A 269 2.91 -7.36 2.76
C THR A 269 2.11 -8.50 2.16
N ALA A 270 1.02 -8.17 1.46
CA ALA A 270 0.19 -9.19 0.84
C ALA A 270 0.96 -9.94 -0.25
N MET A 271 1.86 -9.23 -0.95
CA MET A 271 2.72 -9.89 -1.90
C MET A 271 3.64 -10.93 -1.21
N GLY A 272 4.17 -10.60 -0.05
CA GLY A 272 5.00 -11.54 0.70
C GLY A 272 4.22 -12.64 1.40
N THR A 273 2.91 -12.46 1.51
CA THR A 273 2.06 -13.42 2.19
C THR A 273 1.66 -14.52 1.21
N ILE A 274 1.34 -14.18 -0.03
CA ILE A 274 0.88 -15.24 -0.92
CA ILE A 274 0.88 -15.15 -1.01
C ILE A 274 1.99 -16.06 -1.58
N VAL A 275 3.21 -15.53 -1.61
CA VAL A 275 4.36 -16.22 -2.14
C VAL A 275 5.54 -15.91 -1.22
N PRO A 276 6.21 -16.95 -0.69
CA PRO A 276 7.43 -16.72 0.08
C PRO A 276 8.44 -15.96 -0.76
N GLY A 277 8.95 -14.85 -0.24
CA GLY A 277 9.87 -14.00 -0.95
C GLY A 277 9.19 -13.11 -1.97
N GLY A 278 7.87 -12.96 -1.87
CA GLY A 278 7.12 -12.14 -2.78
C GLY A 278 7.50 -10.67 -2.74
N ARG A 279 7.88 -10.15 -1.58
CA ARG A 279 8.20 -8.72 -1.55
C ARG A 279 9.49 -8.44 -2.31
N GLU A 280 10.45 -9.33 -2.12
CA GLU A 280 11.78 -9.18 -2.71
C GLU A 280 11.64 -9.25 -4.22
N ILE A 281 10.82 -10.18 -4.72
CA ILE A 281 10.54 -10.20 -6.14
C ILE A 281 9.95 -8.86 -6.61
N THR A 282 8.97 -8.37 -5.88
CA THR A 282 8.27 -7.13 -6.24
C THR A 282 9.21 -5.92 -6.26
N LEU A 283 10.18 -5.89 -5.35
CA LEU A 283 11.17 -4.84 -5.32
C LEU A 283 12.09 -4.89 -6.53
N ARG A 284 12.12 -6.04 -7.22
CA ARG A 284 12.91 -6.18 -8.43
C ARG A 284 12.09 -6.07 -9.71
N CYS A 285 10.82 -5.70 -9.58
CA CYS A 285 9.90 -5.57 -10.70
C CYS A 285 9.19 -4.24 -10.69
N GLY A 286 9.76 -3.25 -9.99
CA GLY A 286 9.24 -1.90 -10.05
C GLY A 286 9.06 -1.21 -8.72
N ALA A 287 9.00 -1.99 -7.63
CA ALA A 287 8.79 -1.43 -6.29
C ALA A 287 10.08 -0.81 -5.73
N ASN A 288 9.92 0.18 -4.85
CA ASN A 288 11.04 0.93 -4.25
C ASN A 288 10.79 1.30 -2.79
N VAL A 289 9.73 0.75 -2.20
CA VAL A 289 9.34 1.00 -0.82
C VAL A 289 9.02 -0.33 -0.14
N ILE A 290 9.32 -0.40 1.14
CA ILE A 290 8.96 -1.54 1.97
C ILE A 290 8.41 -1.02 3.31
N MET A 291 7.43 -1.76 3.87
CA MET A 291 6.71 -1.32 5.04
CA MET A 291 6.71 -1.31 5.06
C MET A 291 6.78 -2.37 6.15
N PRO A 292 7.92 -2.41 6.89
CA PRO A 292 8.03 -3.42 7.95
C PRO A 292 6.99 -3.21 9.05
N ASN A 293 6.46 -4.30 9.55
CA ASN A 293 5.51 -4.26 10.65
C ASN A 293 6.17 -3.77 11.93
N TRP A 294 5.62 -2.70 12.51
CA TRP A 294 6.13 -2.21 13.79
C TRP A 294 5.04 -2.23 14.84
N THR A 295 3.94 -2.94 14.58
CA THR A 295 2.90 -3.12 15.61
C THR A 295 3.42 -4.05 16.70
N PRO A 296 3.28 -3.65 17.97
CA PRO A 296 3.79 -4.55 19.00
C PRO A 296 2.89 -5.70 19.32
N SER A 297 3.45 -6.75 19.88
CA SER A 297 2.65 -7.70 20.62
C SER A 297 2.04 -7.02 21.85
N PRO A 298 0.85 -7.48 22.27
CA PRO A 298 0.05 -8.58 21.82
C PRO A 298 -0.91 -8.26 20.68
N TYR A 299 -0.74 -7.09 20.07
CA TYR A 299 -1.71 -6.56 19.10
C TYR A 299 -1.46 -6.98 17.64
N ARG A 300 -0.19 -7.14 17.29
CA ARG A 300 0.16 -7.48 15.91
C ARG A 300 -0.65 -8.64 15.33
N GLN A 301 -0.82 -9.69 16.15
CA GLN A 301 -1.50 -10.91 15.73
C GLN A 301 -3.01 -10.74 15.56
N LEU A 302 -3.54 -9.62 16.06
CA LEU A 302 -4.97 -9.31 16.02
C LEU A 302 -5.33 -8.41 14.82
N TYR A 303 -4.34 -7.93 14.09
CA TYR A 303 -4.65 -7.08 12.93
C TYR A 303 -4.67 -7.99 11.70
N GLN A 304 -5.74 -8.77 11.59
CA GLN A 304 -5.79 -9.89 10.63
C GLN A 304 -6.68 -9.51 9.46
N LEU A 305 -6.20 -8.62 8.59
CA LEU A 305 -6.98 -8.14 7.40
C LEU A 305 -7.22 -9.32 6.49
N TYR A 306 -6.17 -10.13 6.35
CA TYR A 306 -6.19 -11.41 5.67
C TYR A 306 -5.33 -12.37 6.48
N PRO A 307 -5.53 -13.69 6.32
CA PRO A 307 -4.80 -14.74 7.04
C PRO A 307 -3.35 -14.94 6.57
N GLY A 308 -2.55 -15.59 7.43
N GLY A 308 -2.52 -15.53 7.45
CA GLY A 308 -1.14 -15.93 7.12
CA GLY A 308 -1.11 -15.81 7.15
C GLY A 308 -0.19 -14.75 7.12
C GLY A 308 -0.23 -14.59 6.91
N LYS A 309 -0.64 -13.59 7.58
N LYS A 309 -0.64 -13.45 7.44
CA LYS A 309 0.15 -12.39 7.38
CA LYS A 309 0.00 -12.19 7.07
C LYS A 309 1.56 -12.62 7.93
C LYS A 309 1.52 -12.26 6.92
N ILE A 310 2.57 -12.28 7.12
N ILE A 310 2.20 -12.87 7.90
CA ILE A 310 3.96 -12.47 7.57
CA ILE A 310 3.67 -12.85 8.00
C ILE A 310 4.21 -11.51 8.73
C ILE A 310 4.15 -11.61 8.79
N CYS A 311 5.31 -11.74 9.43
CA CYS A 311 5.73 -10.86 10.52
C CYS A 311 5.02 -11.12 11.84
N VAL A 312 3.90 -11.82 11.84
CA VAL A 312 3.09 -11.99 13.06
C VAL A 312 3.80 -12.74 14.20
N PHE A 313 4.58 -13.75 13.89
CA PHE A 313 5.29 -14.50 14.94
C PHE A 313 6.64 -13.91 15.37
N GLU A 314 7.09 -12.90 14.65
CA GLU A 314 8.40 -12.33 14.90
C GLU A 314 8.31 -11.39 16.11
N LYS A 315 9.47 -11.12 16.73
CA LYS A 315 9.56 -10.22 17.87
C LYS A 315 9.23 -8.80 17.46
N ASP A 316 8.91 -7.97 18.46
CA ASP A 316 8.41 -6.60 18.26
C ASP A 316 9.32 -5.79 17.41
N THR A 317 10.62 -6.00 17.59
CA THR A 317 11.60 -5.18 16.93
C THR A 317 12.23 -5.88 15.72
N ALA A 318 11.77 -7.06 15.32
CA ALA A 318 12.47 -7.83 14.28
C ALA A 318 12.44 -7.20 12.86
N CYS A 319 11.35 -6.49 12.53
CA CYS A 319 11.02 -6.26 11.11
C CYS A 319 11.87 -5.17 10.46
N ILE A 320 12.27 -4.17 11.23
CA ILE A 320 13.16 -3.16 10.66
C ILE A 320 14.51 -3.78 10.32
N PRO A 321 15.16 -4.45 11.27
CA PRO A 321 16.40 -5.14 10.91
C PRO A 321 16.24 -6.15 9.77
N CYS A 322 15.12 -6.86 9.75
CA CYS A 322 14.90 -7.83 8.70
CA CYS A 322 14.91 -7.83 8.68
C CYS A 322 14.88 -7.15 7.30
N VAL A 323 14.19 -6.02 7.18
CA VAL A 323 14.15 -5.36 5.86
C VAL A 323 15.48 -4.69 5.53
N MET A 324 16.26 -4.28 6.53
CA MET A 324 17.56 -3.73 6.21
CA MET A 324 17.60 -3.75 6.29
C MET A 324 18.46 -4.81 5.65
N LYS A 325 18.35 -6.03 6.18
CA LYS A 325 19.06 -7.17 5.64
C LYS A 325 18.57 -7.43 4.22
N MET A 326 17.25 -7.39 4.02
CA MET A 326 16.66 -7.63 2.71
C MET A 326 17.23 -6.67 1.66
N ILE A 327 17.24 -5.39 2.01
CA ILE A 327 17.72 -4.33 1.13
C ILE A 327 19.17 -4.58 0.71
N GLU A 328 20.02 -4.98 1.65
CA GLU A 328 21.44 -5.25 1.38
C GLU A 328 21.59 -6.49 0.47
N LEU A 329 20.86 -7.54 0.78
CA LEU A 329 21.00 -8.77 -0.04
C LEU A 329 20.47 -8.59 -1.45
N LEU A 330 19.58 -7.63 -1.61
CA LEU A 330 19.06 -7.27 -2.94
C LEU A 330 20.04 -6.35 -3.69
N GLY A 331 21.12 -5.94 -3.04
CA GLY A 331 22.07 -5.04 -3.68
C GLY A 331 21.55 -3.63 -3.77
N ARG A 332 20.70 -3.27 -2.80
CA ARG A 332 20.00 -1.98 -2.78
C ARG A 332 20.52 -1.20 -1.58
N LYS A 333 20.05 0.03 -1.40
CA LYS A 333 20.55 0.92 -0.36
C LYS A 333 19.38 1.40 0.46
N PRO A 334 19.58 1.65 1.75
CA PRO A 334 18.43 2.20 2.48
C PRO A 334 18.22 3.67 2.16
N GLY A 335 16.99 4.14 2.28
CA GLY A 335 16.67 5.56 2.01
C GLY A 335 17.46 6.47 2.93
N ARG A 336 17.98 7.57 2.40
CA ARG A 336 18.81 8.51 3.16
C ARG A 336 17.95 9.58 3.86
N ASP A 337 16.84 9.92 3.23
CA ASP A 337 15.99 11.03 3.63
C ASP A 337 14.60 10.45 3.87
N TRP A 338 13.57 11.30 3.91
CA TRP A 338 12.20 10.82 4.18
C TRP A 338 11.59 10.06 3.00
N GLY A 339 12.25 10.07 1.84
CA GLY A 339 11.78 9.32 0.68
C GLY A 339 10.48 9.87 0.12
N GLY A 340 10.31 11.20 0.17
CA GLY A 340 9.19 11.83 -0.48
C GLY A 340 9.31 11.70 -1.97
N ARG A 341 8.21 11.84 -2.68
CA ARG A 341 8.27 11.75 -4.12
C ARG A 341 9.22 12.81 -4.70
N LYS A 342 10.06 12.40 -5.64
CA LYS A 342 11.00 13.28 -6.32
C LYS A 342 10.59 13.30 -7.80
N ARG A 343 9.71 14.26 -8.12
CA ARG A 343 9.14 14.34 -9.44
C ARG A 343 10.20 14.64 -10.50
N VAL A 344 10.13 13.87 -11.58
CA VAL A 344 10.91 14.08 -12.77
C VAL A 344 9.89 14.56 -13.83
N PHE A 345 9.88 15.87 -14.09
CA PHE A 345 8.98 16.44 -15.11
C PHE A 345 9.42 16.06 -16.50
N GLU A 346 8.51 15.57 -17.32
CA GLU A 346 8.90 15.16 -18.65
C GLU A 346 7.83 15.47 -19.67
N THR A 347 7.81 14.73 -20.77
CA THR A 347 6.91 14.96 -21.89
C THR A 347 6.01 13.73 -22.00
FE1 SF4 B . -12.83 -1.73 5.20
FE2 SF4 B . -10.39 -0.58 6.06
FE3 SF4 B . -12.45 -1.35 7.85
FE4 SF4 B . -11.08 -3.26 6.60
S1 SF4 B . -10.20 -1.80 8.06
S2 SF4 B . -13.37 -3.15 6.91
S3 SF4 B . -10.64 -2.28 4.57
S4 SF4 B . -12.54 0.29 6.20
N SAM C . -9.29 1.20 7.10
CA SAM C . -8.28 1.87 6.24
C SAM C . -8.73 1.66 4.78
O SAM C . -9.59 0.83 4.49
OXT SAM C . -8.22 2.31 3.86
CB SAM C . -6.87 1.33 6.51
CG SAM C . -6.77 -0.15 6.86
SD SAM C . -7.26 -1.31 5.56
CE SAM C . -7.02 -2.89 6.37
C5' SAM C . -5.78 -1.29 4.46
C4' SAM C . -5.83 -2.00 3.11
O4' SAM C . -5.85 -3.41 3.33
C3' SAM C . -7.03 -1.75 2.23
O3' SAM C . -6.88 -0.57 1.48
C2' SAM C . -7.10 -3.01 1.37
O2' SAM C . -6.63 -2.87 0.05
C1' SAM C . -6.21 -4.04 2.12
N9 SAM C . -6.96 -5.24 2.40
C8 SAM C . -8.04 -5.40 3.24
N7 SAM C . -8.45 -6.70 3.17
C5 SAM C . -7.66 -7.37 2.29
C6 SAM C . -7.64 -8.69 1.84
N6 SAM C . -8.52 -9.61 2.25
N1 SAM C . -6.65 -9.06 0.97
C2 SAM C . -5.72 -8.16 0.50
N3 SAM C . -5.76 -6.86 0.95
C4 SAM C . -6.72 -6.47 1.81
C1 CPS D . 19.16 -1.08 12.80
C2 CPS D . 20.09 -1.59 13.89
C3 CPS D . 18.84 -0.27 15.69
C4 CPS D . 18.91 0.64 16.90
C5 CPS D . 19.84 0.09 17.95
C6 CPS D . 21.22 -0.12 17.31
C7 CPS D . 22.09 -0.44 18.51
C8 CPS D . 21.51 0.37 19.66
C9 CPS D . 20.22 1.02 19.12
C10 CPS D . 19.24 -1.19 18.54
C11 CPS D . 19.54 -2.95 14.35
C12 CPS D . 19.60 0.26 12.23
C13 CPS D . 20.94 0.07 11.51
C14 CPS D . 21.95 -0.48 12.53
C15 CPS D . 21.48 -1.73 13.28
C16 CPS D . 22.53 -2.18 14.31
C17 CPS D . 22.61 -1.31 15.57
C18 CPS D . 21.21 -1.09 16.14
C19 CPS D . 20.22 -0.60 15.08
C20 CPS D . 19.22 1.28 20.23
C21 CPS D . 17.91 1.92 19.76
C22 CPS D . 19.83 2.11 21.36
C23 CPS D . 20.52 3.42 20.97
C24 CPS D . 19.62 4.48 20.33
C25 CPS D . 19.27 5.93 18.39
C26 CPS D . 19.76 5.97 16.95
C27 CPS D . 18.94 6.89 16.05
C28 CPS D . 19.03 5.55 13.99
C29 CPS D . 20.79 7.01 14.45
C30 CPS D . 18.58 7.95 13.93
C31 CPS D . 18.87 8.17 12.40
C32 CPS D . 17.95 9.31 11.89
N1 CPS D . 20.00 4.93 19.12
N2 CPS D . 19.34 6.85 14.61
O1 CPS D . 18.63 4.94 20.92
O2 CPS D . 21.44 1.30 10.91
O3 CPS D . 23.26 -0.03 15.27
O4 CPS D . 19.35 1.93 16.49
O2S CPS D . 19.28 10.08 9.87
O3S CPS D . 19.90 11.01 11.99
O1S CPS D . 17.86 11.72 10.92
S CPS D . 18.75 10.57 11.15
C1 CPS E . 13.75 -9.64 -11.19
C2 CPS E . 13.26 -10.82 -12.03
C3 CPS E . 15.14 -12.35 -11.07
C4 CPS E . 16.20 -13.42 -11.33
C5 CPS E . 15.63 -14.58 -12.13
C6 CPS E . 15.07 -14.03 -13.43
C7 CPS E . 14.74 -15.29 -14.26
C8 CPS E . 15.80 -16.32 -13.79
C9 CPS E . 16.58 -15.66 -12.64
C10 CPS E . 14.53 -15.24 -11.30
C11 CPS E . 12.13 -11.46 -11.22
C12 CPS E . 14.71 -8.70 -11.91
C13 CPS E . 14.11 -8.14 -13.16
C14 CPS E . 13.69 -9.28 -14.11
C15 CPS E . 12.76 -10.27 -13.39
C16 CPS E . 12.33 -11.40 -14.36
C17 CPS E . 13.40 -12.50 -14.56
C18 CPS E . 13.93 -13.00 -13.22
C19 CPS E . 14.39 -11.84 -12.31
C20 CPS E . 17.13 -16.66 -11.63
C21 CPS E . 18.13 -16.03 -10.67
C22 CPS E . 17.81 -17.85 -12.28
C23 CPS E . 18.91 -17.43 -13.24
C24 CPS E . 19.59 -18.69 -13.75
C31 CPS E . 25.18 -18.86 -16.84
C32 CPS E . 26.06 -20.10 -16.72
N1 CPS E . 19.29 -19.08 -14.99
O1 CPS E . 20.37 -19.29 -13.05
O2 CPS E . 15.05 -7.26 -13.77
O3 CPS E . 14.44 -11.96 -15.39
O4 CPS E . 17.31 -12.82 -12.01
O2S CPS E . 24.35 -21.01 -15.01
O3S CPS E . 25.92 -22.54 -16.02
O1S CPS E . 24.04 -21.62 -17.22
S CPS E . 25.09 -21.35 -16.24
C1 CPS F . 10.56 -15.60 -11.92
C2 CPS F . 9.29 -15.23 -11.12
C3 CPS F . 9.44 -17.51 -9.84
C4 CPS F . 8.69 -18.73 -9.28
C5 CPS F . 7.55 -18.28 -8.36
C6 CPS F . 6.66 -17.38 -9.20
C7 CPS F . 5.42 -17.19 -8.35
C8 CPS F . 5.25 -18.52 -7.60
C9 CPS F . 6.54 -19.33 -7.89
C10 CPS F . 8.09 -17.57 -7.11
C11 CPS F . 9.80 -14.36 -9.98
C12 CPS F . 10.24 -16.29 -13.25
C13 CPS F . 9.34 -15.38 -14.10
C14 CPS F . 8.04 -15.02 -13.36
C15 CPS F . 8.31 -14.41 -11.99
C16 CPS F . 6.99 -14.10 -11.24
C17 CPS F . 6.33 -15.33 -10.62
C18 CPS F . 7.33 -16.13 -9.78
C19 CPS F . 8.57 -16.49 -10.59
C20 CPS F . 6.96 -20.24 -6.72
C21 CPS F . 8.26 -21.01 -6.89
C22 CPS F . 5.90 -21.30 -6.44
C23 CPS F . 5.86 -21.50 -4.95
O2 CPS F . 8.95 -16.05 -15.29
O3 CPS F . 5.70 -16.13 -11.65
O4 CPS F . 8.25 -19.58 -10.36
C1 CPS G . 12.35 -19.15 -12.64
C2 CPS G . 12.73 -20.07 -11.48
C3 CPS G . 15.01 -20.61 -12.54
C4 CPS G . 16.00 -21.71 -12.95
C5 CPS G . 16.38 -22.54 -11.75
C6 CPS G . 15.09 -23.12 -11.18
C7 CPS G . 15.51 -24.14 -10.13
C8 CPS G . 16.81 -24.71 -10.77
C9 CPS G . 17.15 -23.85 -11.98
C10 CPS G . 17.14 -21.68 -10.71
C11 CPS G . 13.36 -19.25 -10.37
C12 CPS G . 11.45 -19.79 -13.71
C13 CPS G . 10.19 -20.43 -13.11
C14 CPS G . 10.62 -21.42 -12.03
C15 CPS G . 11.44 -20.74 -10.94
C16 CPS G . 11.75 -21.72 -9.82
C17 CPS G . 12.82 -22.75 -10.14
C18 CPS G . 14.07 -22.08 -10.73
C19 CPS G . 13.71 -21.17 -11.91
C20 CPS G . 18.66 -23.73 -12.22
C21 CPS G . 19.03 -22.75 -13.33
C22 CPS G . 19.22 -25.13 -12.55
O2 CPS G . 9.47 -21.12 -14.14
O3 CPS G . 12.31 -23.76 -11.01
O4 CPS G . 15.50 -22.53 -14.05
C1 CPS H . 24.00 -0.14 8.00
C2 CPS H . 23.26 -1.26 7.28
C3 CPS H . 22.78 -2.44 9.56
C4 CPS H . 22.98 -3.76 10.35
C5 CPS H . 22.14 -4.84 9.70
C6 CPS H . 22.63 -5.00 8.25
C7 CPS H . 21.85 -6.21 7.75
C8 CPS H . 21.64 -7.06 9.02
C9 CPS H . 22.22 -6.28 10.21
C10 CPS H . 20.66 -4.43 9.79
C11 CPS H . 21.82 -0.79 6.99
C14 CPS H . 25.47 -1.88 6.12
C15 CPS H . 23.98 -1.56 5.96
C16 CPS H . 23.31 -2.69 5.20
C17 CPS H . 23.13 -3.96 6.02
C18 CPS H . 22.55 -3.73 7.41
C19 CPS H . 23.27 -2.59 8.11
C20 CPS H . 21.62 -6.66 11.58
C21 CPS H . 22.17 -5.82 12.73
C22 CPS H . 21.95 -8.11 11.92
O3 CPS H . 24.41 -4.57 6.11
O4 CPS H . 24.37 -4.12 10.36
FE1 FES I . 8.50 -8.87 8.81
FE2 FES I . 9.99 -8.92 6.48
S1 FES I . 9.32 -7.19 7.58
S2 FES I . 9.10 -10.57 7.62
S H2S J . 9.12 -9.03 10.82
S H2S K . 12.22 -9.05 6.13
CL CL L . 4.73 6.56 3.18
CL CL M . -0.74 -5.42 2.01
CL CL M . 0.11 -4.48 2.92
C CO3 N . 0.54 -18.03 -6.87
O1 CO3 N . 0.44 -19.01 -5.99
O2 CO3 N . 1.43 -18.15 -7.81
O3 CO3 N . -0.23 -16.96 -6.80
#